data_4W8D
#
_entry.id   4W8D
#
_cell.length_a   99.990
_cell.length_b   58.570
_cell.length_c   61.870
_cell.angle_alpha   90.00
_cell.angle_beta   93.91
_cell.angle_gamma   90.00
#
_symmetry.space_group_name_H-M   'C 1 2 1'
#
loop_
_entity.id
_entity.type
_entity.pdbx_description
1 polymer 'Serine/threonine-protein kinase 24 36 kDa subunit'
2 non-polymer 5-(1-methyl-1H-pyrazol-4-yl)-4-(morpholin-4-yl)-7H-pyrrolo[2,3-d]pyrimidine
3 water water
#
_entity_poly.entity_id   1
_entity_poly.type   'polypeptide(L)'
_entity_poly.pdbx_seq_one_letter_code
;GLPGMQNLKADPEELFTKLEKIGKGSFGEVFKGIDNRTQKVVAIKIIDLEEAEDEIEDIQQEITVLSQCDSPYVTKYYGS
YLKDTKLWIIMEYLGGGSALDLLEPGPLDETQIATILREILKGLDYLHSEKKIHRDIKAANVLLSEHGEVKLADFGVAGQ
LTDTQIKRN(TPO)FVGTPFWMAPEVIKQSAYDSKADIWSLGITAIELARGEPPHSELHPMKVLFLIPKNNPPTLEGNYS
KPLKEFVEACLNKEPSFRPTAKELLKHKFILRNAKKTSYLTELIDRYKRWKAEQ
;
_entity_poly.pdbx_strand_id   A
#
loop_
_chem_comp.id
_chem_comp.type
_chem_comp.name
_chem_comp.formula
3JA non-polymer 5-(1-methyl-1H-pyrazol-4-yl)-4-(morpholin-4-yl)-7H-pyrrolo[2,3-d]pyrimidine 'C14 H16 N6 O'
#
# COMPACT_ATOMS: atom_id res chain seq x y z
N GLY A 1 3.89 24.32 8.61
CA GLY A 1 2.65 24.19 7.85
C GLY A 1 2.51 22.90 7.06
N LEU A 2 1.42 22.79 6.28
CA LEU A 2 1.10 21.61 5.47
C LEU A 2 1.76 21.65 4.08
N PRO A 3 2.68 20.69 3.76
CA PRO A 3 3.32 20.70 2.42
C PRO A 3 2.28 20.58 1.28
N GLY A 4 2.43 21.42 0.26
CA GLY A 4 1.51 21.45 -0.88
C GLY A 4 0.16 22.12 -0.62
N MET A 5 -0.05 22.65 0.60
CA MET A 5 -1.28 23.38 0.96
C MET A 5 -1.37 24.59 0.02
N GLN A 6 -2.48 24.70 -0.71
CA GLN A 6 -2.70 25.75 -1.70
C GLN A 6 -3.33 27.00 -1.08
N ASN A 7 -3.46 28.07 -1.88
CA ASN A 7 -4.06 29.34 -1.46
C ASN A 7 -5.53 29.11 -1.08
N LEU A 8 -6.01 29.80 -0.03
CA LEU A 8 -7.40 29.68 0.40
C LEU A 8 -8.43 30.26 -0.58
N LYS A 9 -8.03 31.20 -1.47
CA LYS A 9 -8.98 31.68 -2.50
C LYS A 9 -9.15 30.65 -3.62
N ALA A 10 -8.20 29.68 -3.72
CA ALA A 10 -8.30 28.60 -4.68
C ALA A 10 -9.43 27.70 -4.16
N ASP A 11 -10.55 27.68 -4.89
CA ASP A 11 -11.73 26.92 -4.56
C ASP A 11 -11.61 25.57 -5.29
N PRO A 12 -11.37 24.46 -4.54
CA PRO A 12 -11.21 23.14 -5.22
C PRO A 12 -12.44 22.69 -5.98
N GLU A 13 -13.64 23.17 -5.59
CA GLU A 13 -14.92 22.85 -6.27
C GLU A 13 -14.96 23.50 -7.66
N GLU A 14 -14.10 24.51 -7.89
CA GLU A 14 -13.96 25.23 -9.15
C GLU A 14 -12.84 24.59 -9.99
N LEU A 15 -11.69 24.29 -9.36
CA LEU A 15 -10.50 23.69 -9.98
C LEU A 15 -10.65 22.22 -10.35
N PHE A 16 -11.58 21.51 -9.67
CA PHE A 16 -11.79 20.09 -9.90
C PHE A 16 -13.25 19.76 -10.00
N THR A 17 -13.59 18.86 -10.93
CA THR A 17 -14.95 18.33 -11.06
C THR A 17 -14.89 17.04 -10.23
N LYS A 18 -15.58 17.04 -9.08
CA LYS A 18 -15.62 15.86 -8.20
C LYS A 18 -16.65 14.88 -8.71
N LEU A 19 -16.19 13.66 -9.05
CA LEU A 19 -17.05 12.61 -9.57
C LEU A 19 -17.39 11.56 -8.49
N GLU A 20 -17.55 10.28 -8.87
CA GLU A 20 -17.98 9.23 -7.97
C GLU A 20 -16.95 8.81 -6.92
N LYS A 21 -17.46 8.35 -5.75
CA LYS A 21 -16.65 7.78 -4.68
C LYS A 21 -16.01 6.52 -5.26
N ILE A 22 -14.71 6.33 -5.05
CA ILE A 22 -13.97 5.17 -5.56
C ILE A 22 -13.45 4.28 -4.44
N GLY A 23 -13.51 4.79 -3.22
CA GLY A 23 -13.11 4.02 -2.06
C GLY A 23 -12.87 4.84 -0.82
N LYS A 24 -12.21 4.22 0.16
CA LYS A 24 -11.84 4.87 1.40
C LYS A 24 -10.35 4.76 1.61
N GLY A 25 -9.81 5.74 2.29
CA GLY A 25 -8.40 5.78 2.64
C GLY A 25 -8.32 6.11 4.10
N SER A 26 -7.10 6.24 4.63
CA SER A 26 -6.92 6.64 6.01
C SER A 26 -7.51 8.06 6.13
N PHE A 27 -8.30 8.33 7.19
CA PHE A 27 -8.90 9.64 7.50
C PHE A 27 -10.11 10.12 6.69
N GLY A 28 -10.36 9.56 5.51
CA GLY A 28 -11.49 10.03 4.70
C GLY A 28 -11.83 9.22 3.47
N GLU A 29 -12.79 9.73 2.69
CA GLU A 29 -13.26 9.06 1.47
C GLU A 29 -12.48 9.52 0.25
N VAL A 30 -12.31 8.63 -0.74
CA VAL A 30 -11.60 8.94 -1.97
C VAL A 30 -12.57 9.00 -3.14
N PHE A 31 -12.43 10.05 -3.96
CA PHE A 31 -13.29 10.22 -5.13
C PHE A 31 -12.48 10.31 -6.40
N LYS A 32 -13.09 9.91 -7.51
CA LYS A 32 -12.52 10.14 -8.83
C LYS A 32 -12.82 11.62 -9.09
N GLY A 33 -11.89 12.32 -9.73
CA GLY A 33 -12.10 13.73 -10.07
C GLY A 33 -11.44 14.11 -11.37
N ILE A 34 -11.77 15.29 -11.89
CA ILE A 34 -11.13 15.81 -13.11
C ILE A 34 -10.49 17.14 -12.75
N ASP A 35 -9.21 17.31 -13.13
CA ASP A 35 -8.53 18.59 -12.98
C ASP A 35 -9.10 19.45 -14.12
N ASN A 36 -9.88 20.48 -13.79
CA ASN A 36 -10.51 21.33 -14.83
C ASN A 36 -9.57 22.10 -15.78
N ARG A 37 -8.31 22.28 -15.41
CA ARG A 37 -7.37 22.99 -16.29
C ARG A 37 -6.70 22.07 -17.31
N THR A 38 -6.30 20.84 -16.88
CA THR A 38 -5.59 19.91 -17.79
C THR A 38 -6.50 18.83 -18.38
N GLN A 39 -7.66 18.60 -17.73
CA GLN A 39 -8.65 17.56 -18.03
C GLN A 39 -8.13 16.15 -17.66
N LYS A 40 -7.06 16.09 -16.89
CA LYS A 40 -6.55 14.80 -16.44
C LYS A 40 -7.43 14.31 -15.27
N VAL A 41 -7.55 13.00 -15.12
CA VAL A 41 -8.27 12.39 -14.01
C VAL A 41 -7.31 12.40 -12.78
N VAL A 42 -7.84 12.70 -11.59
CA VAL A 42 -7.06 12.69 -10.34
C VAL A 42 -7.87 11.91 -9.31
N ALA A 43 -7.22 11.49 -8.22
CA ALA A 43 -7.92 10.90 -7.08
C ALA A 43 -7.98 11.99 -6.02
N ILE A 44 -9.15 12.16 -5.43
CA ILE A 44 -9.28 13.21 -4.41
C ILE A 44 -9.70 12.62 -3.08
N LYS A 45 -8.87 12.75 -2.03
CA LYS A 45 -9.28 12.28 -0.70
C LYS A 45 -9.80 13.48 0.05
N ILE A 46 -11.07 13.40 0.48
CA ILE A 46 -11.68 14.50 1.24
C ILE A 46 -11.75 14.12 2.72
N ILE A 47 -11.20 15.00 3.59
CA ILE A 47 -11.18 14.79 5.03
C ILE A 47 -11.96 15.92 5.71
N ASP A 48 -12.96 15.56 6.56
CA ASP A 48 -13.70 16.54 7.35
C ASP A 48 -12.88 16.80 8.62
N LEU A 49 -12.23 17.96 8.68
CA LEU A 49 -11.36 18.35 9.79
C LEU A 49 -12.11 18.64 11.09
N GLU A 50 -13.42 18.94 10.98
CA GLU A 50 -14.30 19.20 12.12
C GLU A 50 -14.58 17.86 12.82
N GLU A 51 -14.69 16.76 12.04
CA GLU A 51 -14.92 15.39 12.50
C GLU A 51 -13.66 14.70 13.04
N ALA A 52 -12.51 15.39 12.98
CA ALA A 52 -11.22 14.87 13.45
C ALA A 52 -10.74 15.53 14.75
N GLU A 53 -10.02 14.77 15.58
CA GLU A 53 -9.41 15.18 16.85
C GLU A 53 -8.25 14.22 17.13
N ASP A 54 -7.03 14.77 17.30
CA ASP A 54 -5.77 14.03 17.50
C ASP A 54 -5.43 13.15 16.28
N GLU A 55 -6.11 13.45 15.15
CA GLU A 55 -5.95 12.77 13.85
C GLU A 55 -5.28 13.73 12.87
N ILE A 56 -5.39 15.06 13.11
CA ILE A 56 -4.79 16.09 12.26
C ILE A 56 -3.26 15.94 12.21
N GLU A 57 -2.63 15.57 13.36
CA GLU A 57 -1.19 15.30 13.44
C GLU A 57 -0.83 14.19 12.45
N ASP A 58 -1.66 13.13 12.42
CA ASP A 58 -1.49 11.99 11.51
C ASP A 58 -1.77 12.39 10.05
N ILE A 59 -2.82 13.22 9.81
CA ILE A 59 -3.18 13.73 8.46
C ILE A 59 -2.00 14.53 7.89
N GLN A 60 -1.44 15.44 8.70
CA GLN A 60 -0.28 16.25 8.31
C GLN A 60 0.92 15.37 8.00
N GLN A 61 1.17 14.32 8.83
CA GLN A 61 2.27 13.39 8.63
C GLN A 61 2.12 12.66 7.29
N GLU A 62 0.90 12.22 6.94
CA GLU A 62 0.66 11.56 5.65
C GLU A 62 1.06 12.45 4.48
N ILE A 63 0.56 13.70 4.49
CA ILE A 63 0.84 14.67 3.43
C ILE A 63 2.33 14.97 3.33
N THR A 64 3.03 15.11 4.49
CA THR A 64 4.48 15.36 4.53
C THR A 64 5.24 14.23 3.83
N VAL A 65 4.95 12.99 4.22
CA VAL A 65 5.58 11.80 3.65
C VAL A 65 5.36 11.69 2.13
N LEU A 66 4.11 11.90 1.67
CA LEU A 66 3.77 11.84 0.23
C LEU A 66 4.54 12.88 -0.57
N SER A 67 4.56 14.14 -0.06
CA SER A 67 5.25 15.27 -0.67
C SER A 67 6.75 15.04 -0.80
N GLN A 68 7.32 14.20 0.09
CA GLN A 68 8.75 13.85 0.08
C GLN A 68 9.10 12.72 -0.88
N CYS A 69 8.09 11.94 -1.33
CA CYS A 69 8.36 10.83 -2.25
C CYS A 69 8.34 11.29 -3.69
N ASP A 70 9.32 10.86 -4.47
CA ASP A 70 9.38 11.13 -5.89
C ASP A 70 9.85 9.85 -6.55
N SER A 71 8.89 8.96 -6.85
CA SER A 71 9.17 7.62 -7.38
C SER A 71 8.07 7.17 -8.33
N PRO A 72 8.39 6.41 -9.40
CA PRO A 72 7.30 5.83 -10.21
C PRO A 72 6.53 4.74 -9.45
N TYR A 73 7.02 4.34 -8.24
CA TYR A 73 6.39 3.27 -7.45
C TYR A 73 5.56 3.76 -6.27
N VAL A 74 5.38 5.09 -6.14
CA VAL A 74 4.62 5.69 -5.04
C VAL A 74 3.62 6.69 -5.63
N THR A 75 2.36 6.65 -5.19
CA THR A 75 1.32 7.58 -5.69
C THR A 75 1.79 9.02 -5.53
N LYS A 76 1.73 9.81 -6.61
CA LYS A 76 2.13 11.22 -6.61
C LYS A 76 1.11 12.06 -5.85
N TYR A 77 1.60 13.10 -5.18
CA TYR A 77 0.81 14.06 -4.41
C TYR A 77 0.86 15.39 -5.18
N TYR A 78 -0.32 15.96 -5.50
CA TYR A 78 -0.41 17.19 -6.30
C TYR A 78 -0.70 18.47 -5.52
N GLY A 79 -1.06 18.32 -4.24
CA GLY A 79 -1.38 19.44 -3.37
C GLY A 79 -2.64 19.25 -2.57
N SER A 80 -2.87 20.14 -1.60
CA SER A 80 -4.04 20.12 -0.71
C SER A 80 -4.75 21.47 -0.75
N TYR A 81 -6.08 21.44 -0.69
CA TYR A 81 -6.97 22.60 -0.75
C TYR A 81 -7.97 22.50 0.41
N LEU A 82 -8.22 23.63 1.07
CA LEU A 82 -9.18 23.66 2.17
C LEU A 82 -10.42 24.40 1.68
N LYS A 83 -11.57 23.71 1.71
CA LYS A 83 -12.88 24.25 1.34
C LYS A 83 -13.73 24.15 2.61
N ASP A 84 -13.94 25.29 3.30
CA ASP A 84 -14.68 25.36 4.57
C ASP A 84 -13.99 24.46 5.62
N THR A 85 -14.63 23.38 6.07
CA THR A 85 -14.02 22.49 7.07
C THR A 85 -13.36 21.25 6.44
N LYS A 86 -13.44 21.13 5.10
CA LYS A 86 -12.94 19.97 4.36
C LYS A 86 -11.62 20.16 3.67
N LEU A 87 -10.71 19.20 3.87
CA LEU A 87 -9.39 19.22 3.25
C LEU A 87 -9.46 18.29 2.04
N TRP A 88 -9.11 18.81 0.86
CA TRP A 88 -9.10 18.08 -0.42
C TRP A 88 -7.65 17.72 -0.73
N ILE A 89 -7.28 16.42 -0.67
CA ILE A 89 -5.91 15.99 -0.96
C ILE A 89 -5.90 15.43 -2.39
N ILE A 90 -5.16 16.09 -3.29
CA ILE A 90 -5.14 15.73 -4.70
C ILE A 90 -4.03 14.75 -4.95
N MET A 91 -4.38 13.59 -5.48
CA MET A 91 -3.40 12.54 -5.72
C MET A 91 -3.51 11.97 -7.11
N GLU A 92 -2.46 11.24 -7.49
CA GLU A 92 -2.39 10.52 -8.76
C GLU A 92 -3.53 9.49 -8.85
N TYR A 93 -4.21 9.45 -9.99
CA TYR A 93 -5.30 8.49 -10.22
C TYR A 93 -4.71 7.24 -10.85
N LEU A 94 -5.07 6.07 -10.32
CA LEU A 94 -4.60 4.78 -10.84
C LEU A 94 -5.82 3.95 -11.24
N GLY A 95 -6.11 3.97 -12.54
CA GLY A 95 -7.32 3.40 -13.13
C GLY A 95 -7.46 1.88 -13.23
N GLY A 96 -6.44 1.14 -12.88
CA GLY A 96 -6.51 -0.32 -12.90
C GLY A 96 -7.11 -0.86 -11.61
N GLY A 97 -7.13 -0.02 -10.57
CA GLY A 97 -7.67 -0.39 -9.26
C GLY A 97 -6.63 -1.08 -8.39
N SER A 98 -7.02 -1.49 -7.16
CA SER A 98 -6.07 -2.14 -6.25
C SER A 98 -5.81 -3.59 -6.65
N ALA A 99 -4.66 -4.17 -6.21
CA ALA A 99 -4.37 -5.58 -6.44
C ALA A 99 -5.46 -6.42 -5.72
N LEU A 100 -6.01 -5.93 -4.58
CA LEU A 100 -7.09 -6.61 -3.86
C LEU A 100 -8.33 -6.76 -4.76
N ASP A 101 -8.75 -5.66 -5.42
CA ASP A 101 -9.87 -5.68 -6.37
C ASP A 101 -9.61 -6.65 -7.52
N LEU A 102 -8.37 -6.69 -8.06
CA LEU A 102 -8.01 -7.56 -9.18
C LEU A 102 -8.08 -9.07 -8.92
N LEU A 103 -8.12 -9.46 -7.64
CA LEU A 103 -8.25 -10.85 -7.22
C LEU A 103 -9.71 -11.34 -7.36
N GLU A 104 -10.69 -10.41 -7.40
CA GLU A 104 -12.13 -10.75 -7.50
C GLU A 104 -12.55 -11.76 -8.59
N PRO A 105 -12.17 -11.62 -9.88
CA PRO A 105 -12.58 -12.62 -10.89
C PRO A 105 -12.04 -14.04 -10.68
N GLY A 106 -10.98 -14.16 -9.88
CA GLY A 106 -10.37 -15.46 -9.65
C GLY A 106 -8.90 -15.36 -9.32
N PRO A 107 -8.22 -16.51 -9.16
CA PRO A 107 -6.81 -16.48 -8.76
C PRO A 107 -5.87 -15.86 -9.77
N LEU A 108 -4.69 -15.46 -9.28
CA LEU A 108 -3.62 -14.95 -10.12
C LEU A 108 -2.74 -16.12 -10.48
N ASP A 109 -1.98 -16.01 -11.59
CA ASP A 109 -1.01 -17.05 -11.86
C ASP A 109 0.33 -16.59 -11.24
N GLU A 110 1.31 -17.48 -11.19
CA GLU A 110 2.60 -17.12 -10.59
C GLU A 110 3.37 -16.01 -11.30
N THR A 111 3.18 -15.83 -12.62
CA THR A 111 3.83 -14.72 -13.33
C THR A 111 3.23 -13.38 -12.82
N GLN A 112 1.89 -13.31 -12.67
CA GLN A 112 1.19 -12.12 -12.16
C GLN A 112 1.63 -11.81 -10.71
N ILE A 113 1.70 -12.85 -9.86
CA ILE A 113 2.15 -12.71 -8.48
C ILE A 113 3.58 -12.15 -8.44
N ALA A 114 4.48 -12.77 -9.21
CA ALA A 114 5.89 -12.35 -9.21
C ALA A 114 6.04 -10.93 -9.73
N THR A 115 5.26 -10.56 -10.77
CA THR A 115 5.34 -9.20 -11.34
C THR A 115 4.90 -8.14 -10.32
N ILE A 116 3.74 -8.36 -9.68
CA ILE A 116 3.19 -7.46 -8.66
C ILE A 116 4.18 -7.34 -7.49
N LEU A 117 4.70 -8.48 -6.98
CA LEU A 117 5.64 -8.44 -5.87
C LEU A 117 6.94 -7.72 -6.23
N ARG A 118 7.43 -7.90 -7.46
CA ARG A 118 8.67 -7.23 -7.89
C ARG A 118 8.44 -5.71 -7.86
N GLU A 119 7.30 -5.24 -8.38
CA GLU A 119 7.01 -3.80 -8.38
C GLU A 119 6.81 -3.27 -6.94
N ILE A 120 6.19 -4.07 -6.06
CA ILE A 120 6.04 -3.65 -4.64
C ILE A 120 7.46 -3.49 -4.03
N LEU A 121 8.34 -4.46 -4.29
CA LEU A 121 9.74 -4.49 -3.82
C LEU A 121 10.52 -3.25 -4.31
N LYS A 122 10.25 -2.80 -5.54
CA LYS A 122 10.86 -1.56 -6.09
C LYS A 122 10.43 -0.38 -5.23
N GLY A 123 9.13 -0.30 -4.90
CA GLY A 123 8.58 0.75 -4.04
C GLY A 123 9.17 0.70 -2.64
N LEU A 124 9.25 -0.51 -2.05
CA LEU A 124 9.84 -0.66 -0.73
C LEU A 124 11.31 -0.31 -0.70
N ASP A 125 12.08 -0.71 -1.74
CA ASP A 125 13.50 -0.39 -1.84
C ASP A 125 13.67 1.14 -1.89
N TYR A 126 12.82 1.83 -2.66
CA TYR A 126 12.85 3.29 -2.70
C TYR A 126 12.57 3.88 -1.30
N LEU A 127 11.44 3.51 -0.67
CA LEU A 127 11.06 4.02 0.66
C LEU A 127 12.14 3.75 1.70
N HIS A 128 12.65 2.51 1.76
CA HIS A 128 13.66 2.12 2.75
C HIS A 128 14.98 2.86 2.57
N SER A 129 15.36 3.16 1.31
CA SER A 129 16.57 3.93 0.99
C SER A 129 16.37 5.41 1.45
N GLU A 130 15.11 5.88 1.53
CA GLU A 130 14.71 7.22 1.98
C GLU A 130 14.47 7.24 3.51
N LYS A 131 14.77 6.09 4.19
CA LYS A 131 14.60 5.89 5.64
C LYS A 131 13.14 5.95 6.05
N LYS A 132 12.24 5.65 5.12
CA LYS A 132 10.80 5.64 5.35
C LYS A 132 10.32 4.19 5.51
N ILE A 133 9.31 3.97 6.36
CA ILE A 133 8.68 2.66 6.59
C ILE A 133 7.21 2.86 6.24
N HIS A 134 6.68 2.07 5.29
CA HIS A 134 5.26 2.20 4.92
C HIS A 134 4.31 1.82 6.07
N ARG A 135 4.54 0.63 6.71
CA ARG A 135 3.77 0.11 7.85
C ARG A 135 2.34 -0.35 7.56
N ASP A 136 1.86 -0.20 6.32
CA ASP A 136 0.54 -0.73 5.99
C ASP A 136 0.54 -1.43 4.65
N ILE A 137 1.59 -2.23 4.39
CA ILE A 137 1.67 -3.00 3.14
C ILE A 137 0.65 -4.15 3.15
N LYS A 138 -0.25 -4.14 2.15
CA LYS A 138 -1.30 -5.12 1.91
C LYS A 138 -1.84 -4.92 0.47
N ALA A 139 -2.53 -5.94 -0.10
CA ALA A 139 -3.01 -5.84 -1.50
C ALA A 139 -3.95 -4.64 -1.75
N ALA A 140 -4.72 -4.19 -0.72
CA ALA A 140 -5.59 -3.01 -0.88
C ALA A 140 -4.80 -1.72 -1.10
N ASN A 141 -3.54 -1.67 -0.62
CA ASN A 141 -2.68 -0.49 -0.73
C ASN A 141 -1.70 -0.55 -1.91
N VAL A 142 -1.91 -1.52 -2.80
CA VAL A 142 -1.10 -1.73 -4.01
C VAL A 142 -2.05 -1.41 -5.17
N LEU A 143 -1.78 -0.30 -5.87
CA LEU A 143 -2.66 0.16 -6.94
C LEU A 143 -2.03 0.01 -8.32
N LEU A 144 -2.85 -0.23 -9.33
CA LEU A 144 -2.35 -0.36 -10.68
C LEU A 144 -2.87 0.75 -11.59
N SER A 145 -2.03 1.23 -12.50
CA SER A 145 -2.50 2.20 -13.50
C SER A 145 -3.25 1.40 -14.59
N GLU A 146 -3.89 2.08 -15.56
CA GLU A 146 -4.55 1.39 -16.67
C GLU A 146 -3.54 0.67 -17.56
N HIS A 147 -2.26 1.05 -17.47
CA HIS A 147 -1.21 0.44 -18.29
C HIS A 147 -0.51 -0.74 -17.58
N GLY A 148 -0.95 -1.05 -16.36
CA GLY A 148 -0.36 -2.15 -15.58
C GLY A 148 0.78 -1.73 -14.66
N GLU A 149 1.04 -0.41 -14.53
CA GLU A 149 2.09 0.10 -13.63
C GLU A 149 1.62 -0.14 -12.19
N VAL A 150 2.51 -0.53 -11.29
CA VAL A 150 2.14 -0.87 -9.89
C VAL A 150 2.75 0.14 -8.91
N LYS A 151 1.92 0.72 -8.04
CA LYS A 151 2.35 1.75 -7.08
C LYS A 151 1.80 1.50 -5.71
N LEU A 152 2.53 1.99 -4.71
CA LEU A 152 2.13 1.94 -3.30
C LEU A 152 1.31 3.16 -2.99
N ALA A 153 0.25 2.96 -2.20
CA ALA A 153 -0.67 4.01 -1.75
C ALA A 153 -0.86 3.96 -0.25
N ASP A 154 -1.48 5.02 0.30
CA ASP A 154 -1.85 5.17 1.71
C ASP A 154 -0.67 5.26 2.63
N PHE A 155 -0.27 6.49 2.91
CA PHE A 155 0.85 6.75 3.80
C PHE A 155 0.36 7.23 5.16
N GLY A 156 -0.89 6.85 5.48
CA GLY A 156 -1.60 7.20 6.70
C GLY A 156 -0.90 6.82 7.98
N VAL A 157 -0.06 5.75 7.95
CA VAL A 157 0.69 5.31 9.13
C VAL A 157 2.20 5.24 8.87
N ALA A 158 2.69 5.81 7.76
CA ALA A 158 4.11 5.78 7.39
C ALA A 158 5.01 6.44 8.43
N GLY A 159 6.15 5.81 8.69
CA GLY A 159 7.13 6.25 9.67
C GLY A 159 8.39 6.76 9.02
N GLN A 160 9.07 7.67 9.71
CA GLN A 160 10.31 8.23 9.22
C GLN A 160 11.43 7.94 10.22
N LEU A 161 12.51 7.32 9.72
CA LEU A 161 13.69 7.05 10.51
C LEU A 161 14.70 8.17 10.30
N THR A 162 15.47 8.50 11.34
CA THR A 162 16.48 9.56 11.27
C THR A 162 17.80 9.01 11.84
N ASP A 163 18.85 9.86 11.93
CA ASP A 163 20.13 9.47 12.51
C ASP A 163 20.00 9.40 14.05
N THR A 164 19.07 10.18 14.62
CA THR A 164 18.74 10.25 16.04
C THR A 164 17.63 9.25 16.46
N GLN A 165 16.84 8.76 15.48
CA GLN A 165 15.75 7.80 15.69
C GLN A 165 15.90 6.68 14.62
N ILE A 166 16.75 5.69 14.93
CA ILE A 166 17.10 4.55 14.05
C ILE A 166 16.00 3.47 14.04
N LYS A 167 15.11 3.47 15.05
CA LYS A 167 14.02 2.50 15.17
C LYS A 167 12.73 3.16 15.66
N ARG A 168 11.58 2.50 15.41
CA ARG A 168 10.26 2.98 15.83
C ARG A 168 9.67 1.94 16.75
N ASN A 169 8.62 2.30 17.52
CA ASN A 169 7.93 1.35 18.39
C ASN A 169 6.41 1.50 18.36
N TPO A 170 5.87 2.43 17.56
CA TPO A 170 4.43 2.64 17.50
CB TPO A 170 4.13 3.97 16.72
CG2 TPO A 170 2.63 4.27 16.87
OG1 TPO A 170 4.89 5.08 17.23
P TPO A 170 5.72 5.89 16.19
O1P TPO A 170 6.52 6.90 16.99
O2P TPO A 170 6.77 5.09 15.45
O3P TPO A 170 4.81 6.42 15.10
C TPO A 170 3.64 1.45 16.94
O TPO A 170 4.05 0.82 15.96
N PHE A 171 2.50 1.15 17.60
CA PHE A 171 1.55 0.11 17.20
C PHE A 171 0.66 0.66 16.07
N VAL A 172 0.99 0.33 14.81
CA VAL A 172 0.28 0.82 13.62
C VAL A 172 0.27 -0.29 12.55
N GLY A 173 -0.73 -0.26 11.68
CA GLY A 173 -0.89 -1.20 10.58
C GLY A 173 -2.24 -1.85 10.61
N THR A 174 -2.41 -2.91 9.79
CA THR A 174 -3.64 -3.69 9.73
C THR A 174 -3.30 -5.04 10.35
N PRO A 175 -3.96 -5.38 11.49
CA PRO A 175 -3.62 -6.62 12.24
C PRO A 175 -3.08 -7.83 11.50
N PHE A 176 -3.80 -8.35 10.51
CA PHE A 176 -3.39 -9.56 9.77
C PHE A 176 -2.05 -9.44 9.07
N TRP A 177 -1.61 -8.21 8.75
CA TRP A 177 -0.37 -7.97 7.99
C TRP A 177 0.76 -7.47 8.87
N MET A 178 0.47 -7.22 10.18
CA MET A 178 1.44 -6.66 11.10
C MET A 178 2.55 -7.63 11.50
N ALA A 179 3.81 -7.13 11.55
CA ALA A 179 4.95 -7.94 12.02
C ALA A 179 4.89 -8.18 13.54
N PRO A 180 5.38 -9.35 14.02
CA PRO A 180 5.31 -9.63 15.48
C PRO A 180 5.94 -8.53 16.34
N GLU A 181 7.09 -7.96 15.91
CA GLU A 181 7.76 -6.90 16.66
C GLU A 181 6.94 -5.61 16.73
N VAL A 182 6.10 -5.33 15.69
CA VAL A 182 5.22 -4.13 15.68
C VAL A 182 4.08 -4.35 16.70
N ILE A 183 3.43 -5.53 16.66
CA ILE A 183 2.35 -5.91 17.60
C ILE A 183 2.87 -5.84 19.06
N LYS A 184 4.09 -6.35 19.30
CA LYS A 184 4.67 -6.36 20.65
C LYS A 184 5.26 -4.99 21.04
N GLN A 185 5.27 -4.03 20.08
CA GLN A 185 5.80 -2.67 20.26
C GLN A 185 7.29 -2.68 20.63
N SER A 186 8.03 -3.66 20.08
CA SER A 186 9.47 -3.75 20.25
C SER A 186 10.07 -2.74 19.26
N ALA A 187 11.36 -2.39 19.43
CA ALA A 187 12.03 -1.47 18.51
C ALA A 187 12.06 -2.15 17.11
N TYR A 188 11.54 -1.48 16.09
CA TYR A 188 11.52 -2.08 14.75
C TYR A 188 11.94 -1.08 13.66
N ASP A 189 12.21 -1.58 12.44
CA ASP A 189 12.59 -0.73 11.31
C ASP A 189 11.93 -1.23 10.00
N SER A 190 12.60 -1.02 8.84
CA SER A 190 12.13 -1.42 7.51
C SER A 190 11.80 -2.92 7.40
N LYS A 191 12.42 -3.77 8.25
CA LYS A 191 12.16 -5.22 8.23
C LYS A 191 10.68 -5.56 8.52
N ALA A 192 9.98 -4.69 9.27
CA ALA A 192 8.53 -4.86 9.51
C ALA A 192 7.76 -4.87 8.17
N ASP A 193 8.17 -4.01 7.21
CA ASP A 193 7.53 -3.98 5.87
C ASP A 193 7.83 -5.30 5.11
N ILE A 194 9.01 -5.91 5.35
CA ILE A 194 9.37 -7.21 4.71
C ILE A 194 8.42 -8.32 5.18
N TRP A 195 8.11 -8.33 6.50
CA TRP A 195 7.11 -9.27 7.02
C TRP A 195 5.77 -8.99 6.37
N SER A 196 5.31 -7.73 6.35
CA SER A 196 4.00 -7.45 5.73
C SER A 196 3.97 -7.87 4.26
N LEU A 197 5.11 -7.78 3.55
CA LEU A 197 5.22 -8.20 2.14
C LEU A 197 4.97 -9.72 2.01
N GLY A 198 5.49 -10.49 2.98
CA GLY A 198 5.30 -11.95 3.02
C GLY A 198 3.82 -12.28 3.15
N ILE A 199 3.11 -11.56 4.03
CA ILE A 199 1.68 -11.77 4.21
C ILE A 199 0.93 -11.39 2.91
N THR A 200 1.38 -10.30 2.25
CA THR A 200 0.79 -9.83 0.98
C THR A 200 1.02 -10.87 -0.11
N ALA A 201 2.18 -11.54 -0.09
CA ALA A 201 2.48 -12.62 -1.06
C ALA A 201 1.46 -13.76 -0.87
N ILE A 202 1.16 -14.12 0.43
CA ILE A 202 0.15 -15.15 0.68
C ILE A 202 -1.22 -14.67 0.16
N GLU A 203 -1.55 -13.41 0.47
CA GLU A 203 -2.82 -12.78 0.04
C GLU A 203 -2.93 -12.81 -1.49
N LEU A 204 -1.83 -12.52 -2.22
CA LEU A 204 -1.91 -12.54 -3.69
C LEU A 204 -2.08 -13.97 -4.23
N ALA A 205 -1.50 -14.96 -3.55
CA ALA A 205 -1.56 -16.36 -3.96
C ALA A 205 -2.88 -17.04 -3.63
N ARG A 206 -3.39 -16.79 -2.41
CA ARG A 206 -4.56 -17.44 -1.83
C ARG A 206 -5.83 -16.59 -1.83
N GLY A 207 -5.69 -15.29 -1.98
CA GLY A 207 -6.86 -14.40 -2.04
C GLY A 207 -7.14 -13.68 -0.73
N GLU A 208 -6.59 -14.19 0.41
CA GLU A 208 -6.76 -13.63 1.76
C GLU A 208 -5.48 -13.87 2.60
N PRO A 209 -5.21 -13.07 3.65
CA PRO A 209 -4.01 -13.32 4.45
C PRO A 209 -4.28 -14.44 5.47
N PRO A 210 -3.24 -14.95 6.16
CA PRO A 210 -3.49 -15.96 7.22
C PRO A 210 -4.40 -15.38 8.32
N HIS A 211 -5.24 -16.26 8.92
CA HIS A 211 -6.18 -15.94 10.02
C HIS A 211 -7.30 -14.99 9.60
N SER A 212 -7.57 -14.86 8.30
CA SER A 212 -8.58 -13.93 7.76
C SER A 212 -10.00 -14.13 8.31
N GLU A 213 -10.31 -15.36 8.76
CA GLU A 213 -11.66 -15.67 9.30
C GLU A 213 -11.78 -15.39 10.80
N LEU A 214 -10.65 -15.06 11.46
CA LEU A 214 -10.63 -14.76 12.90
C LEU A 214 -10.86 -13.28 13.19
N HIS A 215 -11.27 -12.96 14.43
CA HIS A 215 -11.47 -11.59 14.88
C HIS A 215 -10.06 -10.96 15.03
N PRO A 216 -9.82 -9.72 14.53
CA PRO A 216 -8.48 -9.11 14.66
C PRO A 216 -7.85 -9.10 16.07
N MET A 217 -8.67 -9.11 17.16
CA MET A 217 -8.14 -9.13 18.52
C MET A 217 -7.37 -10.45 18.78
N LYS A 218 -7.89 -11.58 18.27
CA LYS A 218 -7.25 -12.91 18.38
C LYS A 218 -5.85 -12.94 17.76
N VAL A 219 -5.66 -12.29 16.59
CA VAL A 219 -4.37 -12.27 15.89
C VAL A 219 -3.30 -11.49 16.64
N LEU A 220 -3.72 -10.59 17.57
CA LEU A 220 -2.81 -9.82 18.41
C LEU A 220 -2.07 -10.71 19.42
N PHE A 221 -2.62 -11.90 19.73
CA PHE A 221 -1.88 -12.85 20.54
C PHE A 221 -1.32 -13.96 19.66
N LEU A 222 -2.05 -14.35 18.60
CA LEU A 222 -1.65 -15.43 17.67
C LEU A 222 -0.37 -15.15 16.91
N ILE A 223 -0.20 -13.92 16.39
CA ILE A 223 0.99 -13.58 15.60
C ILE A 223 2.30 -13.71 16.41
N PRO A 224 2.43 -13.07 17.60
CA PRO A 224 3.65 -13.26 18.40
C PRO A 224 3.84 -14.68 18.97
N LYS A 225 2.75 -15.41 19.24
CA LYS A 225 2.76 -16.76 19.83
C LYS A 225 3.10 -17.87 18.83
N ASN A 226 2.45 -17.85 17.66
CA ASN A 226 2.59 -18.92 16.68
C ASN A 226 3.87 -18.84 15.89
N ASN A 227 4.28 -19.98 15.31
CA ASN A 227 5.39 -20.01 14.37
C ASN A 227 4.85 -19.15 13.20
N PRO A 228 5.70 -18.60 12.34
CA PRO A 228 5.17 -17.79 11.22
C PRO A 228 4.29 -18.58 10.26
N PRO A 229 3.36 -17.89 9.57
CA PRO A 229 2.55 -18.57 8.56
C PRO A 229 3.42 -19.07 7.42
N THR A 230 2.94 -20.07 6.72
CA THR A 230 3.58 -20.58 5.50
C THR A 230 2.53 -20.57 4.40
N LEU A 231 2.97 -20.60 3.14
CA LEU A 231 2.03 -20.64 2.03
C LEU A 231 1.64 -22.11 1.79
N GLU A 232 0.37 -22.43 1.98
CA GLU A 232 -0.13 -23.80 1.79
C GLU A 232 -0.91 -23.98 0.53
N GLY A 233 -0.67 -25.08 -0.16
CA GLY A 233 -1.36 -25.37 -1.41
C GLY A 233 -0.39 -25.72 -2.51
N ASN A 234 -0.90 -25.89 -3.70
CA ASN A 234 -0.05 -26.30 -4.83
C ASN A 234 0.64 -25.09 -5.49
N TYR A 235 1.66 -24.55 -4.81
CA TYR A 235 2.43 -23.39 -5.30
C TYR A 235 3.87 -23.84 -5.48
N SER A 236 4.59 -23.14 -6.34
CA SER A 236 5.99 -23.47 -6.63
C SER A 236 6.88 -23.37 -5.40
N LYS A 237 7.93 -24.23 -5.37
CA LYS A 237 8.90 -24.18 -4.28
C LYS A 237 9.54 -22.76 -4.16
N PRO A 238 9.95 -22.07 -5.27
CA PRO A 238 10.44 -20.70 -5.12
C PRO A 238 9.42 -19.75 -4.46
N LEU A 239 8.12 -19.86 -4.80
CA LEU A 239 7.13 -18.97 -4.20
C LEU A 239 7.01 -19.26 -2.69
N LYS A 240 6.92 -20.53 -2.30
CA LYS A 240 6.84 -20.89 -0.88
C LYS A 240 8.09 -20.41 -0.14
N GLU A 241 9.26 -20.51 -0.79
CA GLU A 241 10.51 -20.03 -0.17
C GLU A 241 10.57 -18.51 -0.05
N PHE A 242 10.01 -17.80 -1.04
CA PHE A 242 9.95 -16.32 -1.00
C PHE A 242 9.16 -15.90 0.26
N VAL A 243 8.00 -16.53 0.45
CA VAL A 243 7.12 -16.33 1.62
C VAL A 243 7.88 -16.62 2.93
N GLU A 244 8.54 -17.79 3.02
CA GLU A 244 9.29 -18.16 4.23
C GLU A 244 10.42 -17.19 4.53
N ALA A 245 11.09 -16.66 3.49
CA ALA A 245 12.17 -15.69 3.65
C ALA A 245 11.66 -14.43 4.37
N CYS A 246 10.49 -13.91 3.93
CA CYS A 246 9.86 -12.72 4.52
C CYS A 246 9.35 -13.01 5.91
N LEU A 247 8.75 -14.18 6.07
CA LEU A 247 8.07 -14.53 7.31
C LEU A 247 8.91 -15.30 8.31
N ASN A 248 9.93 -14.63 8.81
CA ASN A 248 10.78 -15.13 9.86
C ASN A 248 10.51 -14.23 11.09
N LYS A 249 10.37 -14.84 12.31
CA LYS A 249 10.14 -14.05 13.53
C LYS A 249 11.33 -13.16 13.87
N GLU A 250 12.55 -13.55 13.44
CA GLU A 250 13.76 -12.76 13.67
C GLU A 250 13.90 -11.72 12.53
N PRO A 251 13.72 -10.40 12.82
CA PRO A 251 13.81 -9.41 11.72
C PRO A 251 15.13 -9.39 10.96
N SER A 252 16.26 -9.61 11.66
CA SER A 252 17.56 -9.62 11.00
C SER A 252 17.71 -10.81 10.02
N PHE A 253 16.87 -11.86 10.14
CA PHE A 253 16.92 -13.02 9.24
C PHE A 253 16.09 -12.75 7.99
N ARG A 254 15.31 -11.65 7.97
CA ARG A 254 14.51 -11.32 6.78
C ARG A 254 15.42 -10.59 5.76
N PRO A 255 15.38 -10.90 4.45
CA PRO A 255 16.22 -10.13 3.51
C PRO A 255 15.69 -8.70 3.33
N THR A 256 16.53 -7.83 2.77
CA THR A 256 16.14 -6.46 2.42
C THR A 256 15.32 -6.53 1.11
N ALA A 257 14.60 -5.44 0.78
CA ALA A 257 13.83 -5.37 -0.45
C ALA A 257 14.76 -5.53 -1.66
N LYS A 258 15.94 -4.88 -1.62
CA LYS A 258 16.95 -4.98 -2.67
C LYS A 258 17.37 -6.43 -2.89
N GLU A 259 17.61 -7.19 -1.82
CA GLU A 259 17.99 -8.61 -1.93
C GLU A 259 16.86 -9.45 -2.52
N LEU A 260 15.60 -9.18 -2.12
CA LEU A 260 14.42 -9.92 -2.61
C LEU A 260 14.14 -9.70 -4.09
N LEU A 261 14.62 -8.57 -4.68
CA LEU A 261 14.48 -8.31 -6.12
C LEU A 261 15.27 -9.33 -6.96
N LYS A 262 16.28 -10.00 -6.34
CA LYS A 262 17.11 -11.03 -6.95
C LYS A 262 16.72 -12.45 -6.49
N HIS A 263 15.59 -12.58 -5.76
CA HIS A 263 15.12 -13.91 -5.31
C HIS A 263 14.74 -14.72 -6.56
N LYS A 264 15.08 -16.03 -6.55
CA LYS A 264 14.75 -16.92 -7.67
C LYS A 264 13.24 -16.89 -8.07
N PHE A 265 12.31 -16.69 -7.11
CA PHE A 265 10.89 -16.61 -7.48
C PHE A 265 10.64 -15.43 -8.46
N ILE A 266 11.20 -14.26 -8.11
CA ILE A 266 11.07 -13.06 -8.92
C ILE A 266 11.75 -13.24 -10.26
N LEU A 267 13.04 -13.59 -10.26
CA LEU A 267 13.78 -13.72 -11.51
C LEU A 267 13.22 -14.77 -12.49
N ARG A 268 12.73 -15.89 -11.99
CA ARG A 268 12.18 -16.95 -12.86
C ARG A 268 10.77 -16.70 -13.35
N ASN A 269 9.99 -15.84 -12.66
CA ASN A 269 8.58 -15.68 -13.00
C ASN A 269 8.10 -14.31 -13.39
N ALA A 270 8.73 -13.23 -12.87
CA ALA A 270 8.26 -11.88 -13.19
C ALA A 270 8.45 -11.55 -14.67
N LYS A 271 7.51 -10.80 -15.24
CA LYS A 271 7.57 -10.38 -16.65
C LYS A 271 7.25 -8.89 -16.70
N LYS A 272 7.21 -8.27 -17.91
CA LYS A 272 6.92 -6.84 -18.04
C LYS A 272 5.58 -6.46 -17.41
N THR A 273 5.47 -5.25 -16.81
CA THR A 273 4.22 -4.80 -16.20
C THR A 273 3.11 -4.67 -17.21
N SER A 274 3.46 -4.39 -18.49
CA SER A 274 2.46 -4.25 -19.56
C SER A 274 1.54 -5.47 -19.64
N TYR A 275 2.05 -6.67 -19.27
CA TYR A 275 1.20 -7.88 -19.25
C TYR A 275 0.07 -7.85 -18.25
N LEU A 276 0.17 -7.02 -17.18
CA LEU A 276 -0.88 -6.86 -16.18
C LEU A 276 -2.15 -6.22 -16.71
N THR A 277 -2.12 -5.61 -17.94
CA THR A 277 -3.36 -5.07 -18.55
C THR A 277 -4.35 -6.22 -18.77
N GLU A 278 -3.84 -7.46 -18.98
CA GLU A 278 -4.71 -8.62 -19.15
C GLU A 278 -5.49 -8.85 -17.86
N LEU A 279 -4.83 -8.65 -16.71
CA LEU A 279 -5.47 -8.78 -15.39
C LEU A 279 -6.53 -7.67 -15.18
N ILE A 280 -6.21 -6.42 -15.55
CA ILE A 280 -7.14 -5.28 -15.45
C ILE A 280 -8.36 -5.54 -16.37
N ASP A 281 -8.11 -5.97 -17.63
CA ASP A 281 -9.18 -6.27 -18.60
C ASP A 281 -10.13 -7.34 -18.08
N ARG A 282 -9.58 -8.39 -17.41
CA ARG A 282 -10.36 -9.46 -16.81
C ARG A 282 -11.30 -8.89 -15.74
N TYR A 283 -10.80 -7.94 -14.92
CA TYR A 283 -11.60 -7.32 -13.87
C TYR A 283 -12.71 -6.43 -14.47
N LYS A 284 -12.39 -5.71 -15.57
CA LYS A 284 -13.35 -4.86 -16.28
C LYS A 284 -14.51 -5.71 -16.82
N ARG A 285 -14.19 -6.84 -17.51
CA ARG A 285 -15.17 -7.78 -18.07
C ARG A 285 -16.04 -8.42 -17.00
N TRP A 286 -15.42 -8.83 -15.87
CA TRP A 286 -16.10 -9.44 -14.73
C TRP A 286 -17.06 -8.43 -14.07
N LYS A 287 -16.65 -7.14 -13.98
CA LYS A 287 -17.50 -6.08 -13.41
C LYS A 287 -18.68 -5.77 -14.35
N ALA A 288 -18.45 -5.86 -15.68
CA ALA A 288 -19.45 -5.62 -16.74
C ALA A 288 -20.61 -6.65 -16.69
N GLU A 289 -20.61 -7.49 -15.64
CA GLU A 289 -21.63 -8.50 -15.36
C GLU A 289 -22.25 -8.15 -14.00
N GLN A 290 -21.89 -8.87 -12.91
CA GLN A 290 -22.34 -8.65 -11.53
C GLN A 290 -23.83 -8.30 -11.33
N3 3JA B . -5.16 7.04 -6.29
C4 3JA B . -5.57 6.51 -1.85
N2 3JA B . -5.57 5.73 -0.74
C7 3JA B . -6.20 6.16 -6.59
C6 3JA B . -4.92 6.99 -4.93
C9 3JA B . -7.68 4.53 -5.60
C13 3JA B . -9.26 3.94 -2.23
C8 3JA B . -6.64 5.53 -5.39
N5 3JA B . -6.68 5.89 -7.83
C1 3JA B . -5.75 3.31 -0.22
N1 3JA B . -5.67 4.46 -1.16
C2 3JA B . -5.73 4.37 -2.52
C3 3JA B . -5.69 5.70 -2.99
C5 3JA B . -5.80 6.07 -4.36
N4 3JA B . -8.14 4.23 -6.84
C10 3JA B . -7.62 4.94 -7.89
N6 3JA B . -8.32 3.86 -4.50
C11 3JA B . -9.27 2.73 -4.89
C12 3JA B . -9.57 1.95 -3.58
O1 3JA B . -10.06 2.83 -2.57
C14 3JA B . -8.97 4.81 -3.50
#